data_8WTF
#
_entry.id   8WTF
#
_cell.length_a   51.449
_cell.length_b   93.061
_cell.length_c   60.925
_cell.angle_alpha   90.000
_cell.angle_beta   99.146
_cell.angle_gamma   90.000
#
_symmetry.space_group_name_H-M   'C 1 2 1'
#
loop_
_entity.id
_entity.type
_entity.pdbx_description
1 polymer 'Interleukin-1 receptor-associated kinase 4'
2 non-polymer 1-{[(2S,3S,4S)-3-ethyl-4-fluoro-5-oxopyrrolidin-2-yl]methoxy}-7-methoxyisoquinoline-6-carboxamide
3 non-polymer 1,2-ETHANEDIOL
4 non-polymer 'SULFATE ION'
5 water water
#
_entity_poly.entity_id   1
_entity_poly.type   'polypeptide(L)'
_entity_poly.pdbx_seq_one_letter_code
;RFHSFSFYELKNVTNNFDERPISVGGNKMGEGGFGVVYKGYVNNTTVAVKKLAAMVDITTEELKQQFDQEIKVMAKCQHE
NLVELLGFSSDGDDLCLVYVYMPNGSLLDRLSCLDGTPPLSWHMRCKIAQGAANGINFLHENHHIHRNIKSANILLDEAF
TAKISDFGLARASEKFAQTVMTSRIVGTTAYMAPEALRGEITPKSDIYSFGVVLLEIITGLPAVDEHREPQLLLDIKEEI
EDEEKTIEDYIDKKMNDADSTSVEAMYSVASQCLHEKKNKRPDIKKVQQLLQEMTAS
;
_entity_poly.pdbx_strand_id   A
#
# COMPACT_ATOMS: atom_id res chain seq x y z
N PHE A 2 2.26 23.56 -2.72
CA PHE A 2 2.42 22.66 -3.90
C PHE A 2 2.38 23.49 -5.19
N HIS A 3 3.13 23.06 -6.21
CA HIS A 3 3.23 23.73 -7.54
C HIS A 3 2.01 23.34 -8.38
N SER A 4 1.39 24.33 -9.05
CA SER A 4 0.27 24.13 -10.00
C SER A 4 0.83 24.02 -11.43
N PHE A 5 0.94 22.80 -11.95
CA PHE A 5 1.40 22.51 -13.33
C PHE A 5 0.23 22.69 -14.31
N SER A 6 0.47 23.32 -15.46
CA SER A 6 -0.47 23.34 -16.61
CA SER A 6 -0.48 23.35 -16.60
C SER A 6 -0.58 21.92 -17.16
N PHE A 7 -1.76 21.53 -17.64
CA PHE A 7 -2.02 20.15 -18.14
C PHE A 7 -1.11 19.83 -19.33
N TYR A 8 -0.86 20.81 -20.21
CA TYR A 8 -0.14 20.62 -21.49
C TYR A 8 1.33 20.25 -21.21
N GLU A 9 1.97 20.91 -20.24
CA GLU A 9 3.39 20.67 -19.89
C GLU A 9 3.54 19.29 -19.22
N LEU A 10 2.53 18.83 -18.48
CA LEU A 10 2.50 17.44 -17.92
C LEU A 10 2.42 16.43 -19.06
N LYS A 11 1.69 16.78 -20.13
CA LYS A 11 1.57 15.97 -21.38
C LYS A 11 2.95 15.88 -22.05
N ASN A 12 3.67 17.01 -22.12
CA ASN A 12 5.01 17.12 -22.76
C ASN A 12 6.02 16.24 -21.99
N VAL A 13 6.12 16.43 -20.67
CA VAL A 13 7.19 15.83 -19.81
C VAL A 13 7.01 14.30 -19.70
N THR A 14 5.82 13.77 -20.02
CA THR A 14 5.51 12.32 -20.00
C THR A 14 5.53 11.75 -21.43
N ASN A 15 6.19 12.46 -22.35
CA ASN A 15 6.29 12.09 -23.80
C ASN A 15 4.88 11.95 -24.37
N ASN A 16 4.02 12.95 -24.15
CA ASN A 16 2.63 13.01 -24.66
C ASN A 16 1.79 11.92 -23.96
N PHE A 17 2.05 11.69 -22.66
CA PHE A 17 1.46 10.61 -21.84
C PHE A 17 1.58 9.27 -22.58
N ASP A 18 2.82 8.90 -22.94
CA ASP A 18 3.15 7.63 -23.65
C ASP A 18 2.83 6.45 -22.75
N GLU A 19 1.85 5.61 -23.15
CA GLU A 19 1.29 4.52 -22.31
C GLU A 19 1.99 3.19 -22.64
N ARG A 20 2.97 3.18 -23.53
CA ARG A 20 3.87 2.01 -23.76
C ARG A 20 4.72 1.81 -22.52
N PRO A 21 5.09 0.57 -22.14
CA PRO A 21 5.91 0.33 -20.95
C PRO A 21 7.31 0.96 -21.06
N ILE A 22 8.00 1.07 -19.93
CA ILE A 22 9.37 1.66 -19.82
C ILE A 22 10.33 0.86 -20.72
N SER A 23 10.17 -0.47 -20.72
CA SER A 23 10.99 -1.45 -21.48
C SER A 23 11.15 -1.01 -22.95
N VAL A 24 10.04 -0.68 -23.61
CA VAL A 24 9.99 -0.40 -25.09
C VAL A 24 10.18 1.09 -25.36
N GLY A 25 10.60 1.87 -24.35
CA GLY A 25 10.89 3.32 -24.47
C GLY A 25 9.66 4.18 -24.21
N GLY A 26 8.64 3.63 -23.56
CA GLY A 26 7.42 4.34 -23.14
C GLY A 26 7.58 4.95 -21.75
N ASN A 27 6.47 5.37 -21.13
CA ASN A 27 6.49 6.13 -19.84
C ASN A 27 5.57 5.50 -18.79
N LYS A 28 4.86 4.40 -19.10
CA LYS A 28 3.92 3.75 -18.16
C LYS A 28 4.72 2.95 -17.12
N MET A 29 4.57 3.29 -15.83
CA MET A 29 5.27 2.66 -14.68
C MET A 29 4.34 1.71 -13.92
N GLY A 30 3.06 2.06 -13.80
CA GLY A 30 2.07 1.27 -13.04
C GLY A 30 0.64 1.69 -13.35
N GLU A 31 -0.31 0.87 -12.90
CA GLU A 31 -1.77 1.08 -13.10
C GLU A 31 -2.52 0.56 -11.87
N GLY A 32 -3.65 1.20 -11.54
CA GLY A 32 -4.56 0.78 -10.46
C GLY A 32 -6.01 0.92 -10.90
N GLY A 33 -6.95 0.75 -9.97
CA GLY A 33 -8.39 0.92 -10.21
C GLY A 33 -8.72 2.32 -10.70
N PHE A 34 -8.05 3.34 -10.18
CA PHE A 34 -8.46 4.77 -10.31
C PHE A 34 -7.40 5.61 -11.05
N GLY A 35 -6.45 5.00 -11.77
CA GLY A 35 -5.55 5.77 -12.65
C GLY A 35 -4.34 5.00 -13.17
N VAL A 36 -3.48 5.70 -13.91
CA VAL A 36 -2.20 5.21 -14.48
C VAL A 36 -1.09 6.17 -14.02
N VAL A 37 0.10 5.63 -13.69
CA VAL A 37 1.28 6.41 -13.23
C VAL A 37 2.32 6.41 -14.37
N TYR A 38 2.79 7.60 -14.76
CA TYR A 38 3.76 7.83 -15.86
C TYR A 38 5.06 8.42 -15.30
N LYS A 39 6.21 7.99 -15.83
CA LYS A 39 7.53 8.63 -15.57
C LYS A 39 7.58 9.95 -16.35
N GLY A 40 8.03 11.02 -15.71
CA GLY A 40 8.19 12.35 -16.31
C GLY A 40 9.59 12.91 -16.07
N TYR A 41 10.05 13.78 -16.97
CA TYR A 41 11.35 14.50 -16.89
C TYR A 41 11.06 16.01 -16.90
N VAL A 42 11.42 16.72 -15.82
CA VAL A 42 11.13 18.17 -15.65
C VAL A 42 12.12 18.77 -14.63
N ASN A 43 12.55 20.02 -14.87
CA ASN A 43 13.39 20.83 -13.95
C ASN A 43 14.66 20.05 -13.57
N ASN A 44 15.25 19.31 -14.52
CA ASN A 44 16.51 18.54 -14.34
C ASN A 44 16.30 17.43 -13.30
N THR A 45 15.10 16.86 -13.24
CA THR A 45 14.75 15.76 -12.30
C THR A 45 13.83 14.76 -13.00
N THR A 46 13.70 13.56 -12.43
CA THR A 46 12.66 12.56 -12.78
C THR A 46 11.53 12.69 -11.77
N VAL A 47 10.28 12.65 -12.24
CA VAL A 47 9.03 12.72 -11.42
C VAL A 47 8.11 11.58 -11.85
N ALA A 48 7.07 11.32 -11.04
CA ALA A 48 5.96 10.40 -11.35
C ALA A 48 4.67 11.23 -11.47
N VAL A 49 3.90 10.99 -12.53
CA VAL A 49 2.59 11.68 -12.80
C VAL A 49 1.49 10.63 -12.79
N LYS A 50 0.59 10.69 -11.80
CA LYS A 50 -0.63 9.84 -11.72
C LYS A 50 -1.80 10.62 -12.33
N LYS A 51 -2.31 10.15 -13.47
CA LYS A 51 -3.52 10.70 -14.13
C LYS A 51 -4.72 9.83 -13.73
N LEU A 52 -5.69 10.41 -13.02
CA LEU A 52 -6.88 9.69 -12.50
C LEU A 52 -7.83 9.38 -13.67
N ALA A 53 -8.43 8.19 -13.66
CA ALA A 53 -9.33 7.68 -14.71
C ALA A 53 -10.05 6.42 -14.21
N ALA A 54 -11.27 6.18 -14.70
CA ALA A 54 -12.14 5.05 -14.31
C ALA A 54 -11.72 3.78 -15.05
N MET A 55 -10.69 3.09 -14.53
CA MET A 55 -10.20 1.78 -15.06
C MET A 55 -11.12 0.67 -14.55
N VAL A 56 -11.70 0.86 -13.35
CA VAL A 56 -12.80 0.01 -12.79
C VAL A 56 -14.05 0.90 -12.70
N ASP A 57 -15.19 0.33 -12.28
CA ASP A 57 -16.48 1.05 -12.13
C ASP A 57 -16.35 2.09 -11.01
N ILE A 58 -16.27 3.37 -11.39
CA ILE A 58 -16.19 4.55 -10.47
C ILE A 58 -16.52 5.80 -11.29
N THR A 59 -17.21 6.77 -10.69
CA THR A 59 -17.72 8.00 -11.38
C THR A 59 -16.67 9.11 -11.30
N THR A 60 -16.79 10.11 -12.19
CA THR A 60 -15.92 11.31 -12.28
C THR A 60 -15.96 12.08 -10.95
N GLU A 61 -17.14 12.28 -10.38
CA GLU A 61 -17.35 13.04 -9.11
C GLU A 61 -16.58 12.34 -7.98
N GLU A 62 -16.63 11.00 -7.92
CA GLU A 62 -15.93 10.18 -6.89
C GLU A 62 -14.41 10.38 -7.00
N LEU A 63 -13.87 10.44 -8.22
CA LEU A 63 -12.41 10.62 -8.48
C LEU A 63 -11.98 12.03 -8.02
N LYS A 64 -12.79 13.04 -8.31
CA LYS A 64 -12.55 14.46 -7.93
C LYS A 64 -12.47 14.58 -6.40
N GLN A 65 -13.31 13.84 -5.67
CA GLN A 65 -13.33 13.84 -4.17
C GLN A 65 -11.98 13.31 -3.65
N GLN A 66 -11.47 12.22 -4.22
CA GLN A 66 -10.19 11.59 -3.81
C GLN A 66 -9.01 12.49 -4.16
N PHE A 67 -9.09 13.19 -5.30
CA PHE A 67 -8.10 14.20 -5.76
C PHE A 67 -7.95 15.28 -4.69
N ASP A 68 -9.06 15.88 -4.28
CA ASP A 68 -9.12 16.97 -3.26
C ASP A 68 -8.64 16.43 -1.90
N GLN A 69 -9.02 15.20 -1.54
CA GLN A 69 -8.68 14.59 -0.22
C GLN A 69 -7.17 14.34 -0.14
N GLU A 70 -6.57 13.79 -1.22
CA GLU A 70 -5.11 13.52 -1.33
C GLU A 70 -4.33 14.81 -1.01
N ILE A 71 -4.71 15.92 -1.64
CA ILE A 71 -4.00 17.23 -1.52
C ILE A 71 -4.13 17.75 -0.08
N LYS A 72 -5.31 17.63 0.52
CA LYS A 72 -5.61 18.13 1.89
C LYS A 72 -4.77 17.38 2.92
N VAL A 73 -4.65 16.05 2.79
CA VAL A 73 -3.90 15.18 3.75
C VAL A 73 -2.40 15.40 3.55
N MET A 74 -1.93 15.42 2.29
CA MET A 74 -0.49 15.55 1.92
C MET A 74 0.07 16.88 2.44
N ALA A 75 -0.76 17.92 2.52
CA ALA A 75 -0.40 19.28 3.00
C ALA A 75 -0.03 19.22 4.49
N LYS A 76 -0.58 18.26 5.24
CA LYS A 76 -0.42 18.15 6.72
C LYS A 76 0.60 17.06 7.09
N CYS A 77 0.96 16.18 6.15
CA CYS A 77 1.69 14.91 6.42
C CYS A 77 2.96 14.82 5.57
N GLN A 78 4.11 15.14 6.16
CA GLN A 78 5.47 15.00 5.56
C GLN A 78 6.34 14.16 6.51
N HIS A 79 6.89 13.05 6.01
CA HIS A 79 7.63 12.06 6.84
C HIS A 79 8.51 11.18 5.94
N GLU A 80 9.64 10.73 6.47
CA GLU A 80 10.62 9.79 5.87
C GLU A 80 9.90 8.63 5.16
N ASN A 81 8.80 8.12 5.74
CA ASN A 81 8.14 6.86 5.28
C ASN A 81 6.76 7.18 4.64
N LEU A 82 6.60 8.40 4.12
CA LEU A 82 5.44 8.86 3.33
C LEU A 82 5.97 9.43 2.00
N VAL A 83 5.34 9.10 0.87
CA VAL A 83 5.74 9.61 -0.48
C VAL A 83 5.39 11.10 -0.53
N GLU A 84 6.25 11.91 -1.14
CA GLU A 84 6.13 13.40 -1.16
C GLU A 84 5.40 13.84 -2.44
N LEU A 85 4.28 14.55 -2.28
CA LEU A 85 3.55 15.21 -3.39
C LEU A 85 4.26 16.51 -3.73
N LEU A 86 4.66 16.68 -5.00
CA LEU A 86 5.37 17.89 -5.50
C LEU A 86 4.35 18.90 -6.05
N GLY A 87 3.25 18.43 -6.65
CA GLY A 87 2.25 19.32 -7.28
C GLY A 87 1.06 18.58 -7.87
N PHE A 88 0.24 19.30 -8.64
CA PHE A 88 -1.04 18.82 -9.22
C PHE A 88 -1.41 19.63 -10.46
N SER A 89 -2.40 19.15 -11.21
CA SER A 89 -2.97 19.79 -12.43
C SER A 89 -4.46 19.45 -12.56
N SER A 90 -5.32 20.46 -12.66
CA SER A 90 -6.79 20.32 -12.87
C SER A 90 -7.27 21.33 -13.92
N ASP A 94 -7.37 16.59 -17.67
CA ASP A 94 -7.88 15.69 -16.60
C ASP A 94 -7.26 16.11 -15.26
N LEU A 95 -7.36 15.26 -14.24
CA LEU A 95 -6.80 15.47 -12.87
C LEU A 95 -5.48 14.69 -12.75
N CYS A 96 -4.38 15.40 -12.49
CA CYS A 96 -3.01 14.82 -12.38
C CYS A 96 -2.40 15.22 -11.02
N LEU A 97 -1.75 14.25 -10.37
CA LEU A 97 -0.91 14.44 -9.15
C LEU A 97 0.54 14.10 -9.50
N VAL A 98 1.49 14.91 -9.02
CA VAL A 98 2.94 14.79 -9.35
C VAL A 98 3.71 14.48 -8.06
N TYR A 99 4.52 13.41 -8.08
CA TYR A 99 5.23 12.86 -6.89
C TYR A 99 6.74 12.80 -7.17
N VAL A 100 7.53 12.76 -6.09
CA VAL A 100 8.97 12.39 -6.12
C VAL A 100 9.06 11.00 -6.75
N TYR A 101 10.04 10.78 -7.62
CA TYR A 101 10.27 9.51 -8.37
C TYR A 101 10.78 8.43 -7.41
N MET A 102 10.15 7.25 -7.42
CA MET A 102 10.53 6.05 -6.62
C MET A 102 11.06 4.98 -7.58
N PRO A 103 12.39 4.89 -7.81
CA PRO A 103 12.92 4.02 -8.86
C PRO A 103 12.74 2.50 -8.65
N ASN A 104 12.43 2.05 -7.43
CA ASN A 104 12.26 0.61 -7.10
C ASN A 104 10.77 0.24 -7.02
N GLY A 105 9.88 1.12 -7.51
CA GLY A 105 8.45 0.83 -7.71
C GLY A 105 7.71 0.56 -6.41
N SER A 106 6.77 -0.38 -6.43
CA SER A 106 5.94 -0.79 -5.26
C SER A 106 6.47 -2.10 -4.68
N LEU A 107 6.18 -2.36 -3.41
CA LEU A 107 6.52 -3.64 -2.73
C LEU A 107 5.89 -4.82 -3.49
N LEU A 108 4.63 -4.67 -3.92
CA LEU A 108 3.89 -5.70 -4.70
C LEU A 108 4.72 -6.12 -5.92
N ASP A 109 5.16 -5.16 -6.73
CA ASP A 109 6.00 -5.37 -7.95
C ASP A 109 7.25 -6.19 -7.58
N ARG A 110 7.91 -5.83 -6.47
CA ARG A 110 9.23 -6.42 -6.07
C ARG A 110 9.02 -7.83 -5.48
N LEU A 111 7.91 -8.08 -4.79
CA LEU A 111 7.57 -9.42 -4.24
C LEU A 111 7.22 -10.39 -5.39
N SER A 112 6.67 -9.88 -6.49
CA SER A 112 6.29 -10.65 -7.70
C SER A 112 7.49 -10.80 -8.65
N CYS A 113 8.58 -10.06 -8.40
CA CYS A 113 9.80 -10.01 -9.25
C CYS A 113 9.41 -9.54 -10.67
N LEU A 114 8.60 -8.49 -10.76
CA LEU A 114 8.12 -7.92 -12.04
C LEU A 114 9.32 -7.41 -12.84
N ASP A 115 9.33 -7.70 -14.16
CA ASP A 115 10.39 -7.26 -15.11
C ASP A 115 11.73 -7.90 -14.73
N GLY A 116 11.70 -9.10 -14.15
CA GLY A 116 12.87 -9.95 -13.86
C GLY A 116 13.84 -9.33 -12.86
N THR A 117 13.34 -8.52 -11.91
CA THR A 117 14.15 -7.99 -10.78
C THR A 117 14.44 -9.14 -9.82
N PRO A 118 15.58 -9.13 -9.11
CA PRO A 118 15.91 -10.20 -8.16
C PRO A 118 15.03 -10.15 -6.91
N PRO A 119 14.72 -11.30 -6.28
CA PRO A 119 13.91 -11.30 -5.06
C PRO A 119 14.54 -10.46 -3.94
N LEU A 120 13.70 -9.85 -3.10
CA LEU A 120 14.13 -9.12 -1.88
C LEU A 120 14.65 -10.16 -0.88
N SER A 121 15.81 -9.89 -0.26
CA SER A 121 16.37 -10.70 0.85
C SER A 121 15.44 -10.61 2.07
N TRP A 122 15.50 -11.59 2.97
CA TRP A 122 14.74 -11.58 4.25
C TRP A 122 15.04 -10.29 5.02
N HIS A 123 16.32 -9.91 5.14
CA HIS A 123 16.77 -8.71 5.90
C HIS A 123 16.17 -7.44 5.30
N MET A 124 16.14 -7.32 3.98
CA MET A 124 15.56 -6.14 3.26
C MET A 124 14.05 -6.08 3.52
N ARG A 125 13.38 -7.23 3.56
CA ARG A 125 11.92 -7.31 3.80
C ARG A 125 11.61 -6.85 5.23
N CYS A 126 12.47 -7.16 6.20
CA CYS A 126 12.34 -6.76 7.62
C CYS A 126 12.49 -5.23 7.75
N LYS A 127 13.44 -4.64 7.03
CA LYS A 127 13.72 -3.17 7.07
C LYS A 127 12.56 -2.41 6.42
N ILE A 128 12.00 -2.95 5.33
CA ILE A 128 10.82 -2.36 4.61
C ILE A 128 9.60 -2.40 5.56
N ALA A 129 9.42 -3.51 6.27
CA ALA A 129 8.31 -3.71 7.24
C ALA A 129 8.42 -2.68 8.37
N GLN A 130 9.63 -2.46 8.90
CA GLN A 130 9.90 -1.46 9.96
C GLN A 130 9.56 -0.05 9.44
N GLY A 131 10.03 0.30 8.24
CA GLY A 131 9.80 1.60 7.60
C GLY A 131 8.32 1.90 7.44
N ALA A 132 7.55 0.93 6.93
CA ALA A 132 6.09 1.04 6.72
C ALA A 132 5.37 1.25 8.06
N ALA A 133 5.76 0.50 9.11
CA ALA A 133 5.21 0.62 10.47
C ALA A 133 5.45 2.05 11.02
N ASN A 134 6.63 2.62 10.76
CA ASN A 134 6.99 4.00 11.19
C ASN A 134 6.10 5.02 10.46
N GLY A 135 5.80 4.76 9.18
CA GLY A 135 4.84 5.56 8.39
C GLY A 135 3.46 5.57 9.01
N ILE A 136 2.96 4.39 9.41
CA ILE A 136 1.59 4.20 10.00
C ILE A 136 1.57 4.88 11.38
N ASN A 137 2.66 4.79 12.15
CA ASN A 137 2.77 5.42 13.49
C ASN A 137 2.64 6.94 13.35
N PHE A 138 3.34 7.54 12.38
CA PHE A 138 3.22 9.00 12.10
C PHE A 138 1.74 9.37 11.93
N LEU A 139 1.03 8.64 11.06
CA LEU A 139 -0.39 8.91 10.68
C LEU A 139 -1.30 8.82 11.92
N HIS A 140 -1.13 7.77 12.73
CA HIS A 140 -1.97 7.48 13.92
C HIS A 140 -1.68 8.49 15.04
N GLU A 141 -0.42 8.88 15.24
CA GLU A 141 -0.04 9.94 16.21
C GLU A 141 -0.73 11.25 15.83
N ASN A 142 -0.91 11.51 14.52
CA ASN A 142 -1.54 12.74 13.99
C ASN A 142 -3.03 12.51 13.69
N HIS A 143 -3.61 11.45 14.25
CA HIS A 143 -5.07 11.17 14.26
C HIS A 143 -5.62 11.03 12.84
N HIS A 144 -4.86 10.38 11.94
CA HIS A 144 -5.29 10.01 10.56
C HIS A 144 -5.47 8.49 10.49
N ILE A 145 -6.46 8.04 9.69
CA ILE A 145 -6.69 6.62 9.30
C ILE A 145 -6.48 6.54 7.78
N HIS A 146 -5.58 5.67 7.32
CA HIS A 146 -5.19 5.56 5.89
C HIS A 146 -6.35 4.96 5.09
N ARG A 147 -6.83 3.78 5.51
CA ARG A 147 -8.03 3.06 4.99
C ARG A 147 -7.72 2.32 3.68
N ASN A 148 -6.47 2.26 3.25
CA ASN A 148 -6.10 1.52 2.00
C ASN A 148 -4.64 1.04 2.07
N ILE A 149 -4.24 0.47 3.20
CA ILE A 149 -2.89 -0.12 3.41
C ILE A 149 -2.80 -1.43 2.61
N LYS A 150 -1.78 -1.54 1.75
CA LYS A 150 -1.51 -2.73 0.90
C LYS A 150 -0.12 -2.58 0.28
N SER A 151 0.43 -3.66 -0.30
CA SER A 151 1.83 -3.71 -0.82
C SER A 151 1.98 -2.78 -2.03
N ALA A 152 0.92 -2.58 -2.82
CA ALA A 152 0.93 -1.66 -3.99
C ALA A 152 0.98 -0.19 -3.53
N ASN A 153 0.67 0.07 -2.25
CA ASN A 153 0.68 1.44 -1.66
C ASN A 153 1.87 1.56 -0.69
N ILE A 154 2.88 0.70 -0.84
CA ILE A 154 4.22 0.86 -0.20
C ILE A 154 5.26 0.97 -1.31
N LEU A 155 5.78 2.18 -1.55
CA LEU A 155 6.74 2.48 -2.64
C LEU A 155 8.17 2.45 -2.07
N LEU A 156 9.17 2.25 -2.95
CA LEU A 156 10.58 2.02 -2.58
C LEU A 156 11.49 2.96 -3.37
N ASP A 157 12.29 3.76 -2.67
CA ASP A 157 13.24 4.74 -3.29
C ASP A 157 14.56 4.02 -3.60
N GLU A 158 15.62 4.79 -3.89
CA GLU A 158 16.96 4.30 -4.29
C GLU A 158 17.52 3.38 -3.20
N ALA A 159 17.24 3.68 -1.92
CA ALA A 159 17.79 2.98 -0.74
C ALA A 159 16.85 1.86 -0.26
N PHE A 160 15.77 1.59 -1.02
CA PHE A 160 14.68 0.65 -0.65
C PHE A 160 14.02 1.11 0.65
N THR A 161 13.97 2.43 0.89
CA THR A 161 13.18 3.05 2.00
C THR A 161 11.69 2.94 1.65
N ALA A 162 10.88 2.45 2.59
CA ALA A 162 9.41 2.29 2.44
C ALA A 162 8.75 3.68 2.47
N LYS A 163 7.90 3.97 1.49
CA LYS A 163 7.13 5.23 1.35
C LYS A 163 5.65 4.88 1.10
N ILE A 164 4.80 5.09 2.11
CA ILE A 164 3.33 4.85 2.03
C ILE A 164 2.73 5.87 1.04
N SER A 165 1.82 5.43 0.17
CA SER A 165 1.20 6.24 -0.90
C SER A 165 -0.33 6.08 -0.88
N ASP A 166 -1.03 6.89 -1.67
CA ASP A 166 -2.49 6.78 -1.97
C ASP A 166 -3.29 7.18 -0.72
N PHE A 167 -3.47 8.48 -0.51
CA PHE A 167 -4.17 9.07 0.66
C PHE A 167 -5.56 9.58 0.27
N GLY A 168 -6.11 9.07 -0.83
CA GLY A 168 -7.41 9.50 -1.42
C GLY A 168 -8.58 9.17 -0.52
N LEU A 169 -8.47 8.14 0.33
CA LEU A 169 -9.55 7.67 1.23
C LEU A 169 -9.25 8.01 2.69
N ALA A 170 -8.13 8.67 2.99
CA ALA A 170 -7.65 8.91 4.38
C ALA A 170 -8.59 9.87 5.10
N ARG A 171 -8.95 9.55 6.36
CA ARG A 171 -9.90 10.32 7.21
C ARG A 171 -9.20 10.76 8.50
N ALA A 172 -9.68 11.86 9.11
CA ALA A 172 -9.08 12.49 10.30
C ALA A 172 -9.98 12.31 11.54
N SER A 173 -11.06 11.51 11.42
CA SER A 173 -12.08 11.31 12.49
C SER A 173 -12.61 9.86 12.46
N GLU A 174 -12.80 9.26 13.64
CA GLU A 174 -13.32 7.88 13.80
C GLU A 174 -14.86 7.90 13.71
N LYS A 175 -15.44 6.83 13.15
CA LYS A 175 -16.90 6.68 12.93
C LYS A 175 -17.31 5.21 13.15
N PHE A 176 -18.50 4.98 13.70
CA PHE A 176 -19.17 3.65 13.72
C PHE A 176 -19.78 3.38 12.33
N ALA A 177 -20.56 4.34 11.83
CA ALA A 177 -21.00 4.49 10.42
C ALA A 177 -21.66 3.20 9.91
N GLN A 178 -22.57 2.63 10.69
CA GLN A 178 -23.37 1.42 10.32
C GLN A 178 -24.84 1.65 10.72
N THR A 179 -25.75 1.67 9.75
CA THR A 179 -27.22 1.76 9.93
C THR A 179 -27.90 0.66 9.10
N VAL A 180 -29.23 0.62 9.11
CA VAL A 180 -30.04 -0.32 8.28
C VAL A 180 -30.26 0.30 6.89
N MET A 181 -29.73 1.51 6.64
CA MET A 181 -29.78 2.18 5.31
CA MET A 181 -29.79 2.17 5.31
C MET A 181 -28.64 1.65 4.43
N THR A 182 -28.88 1.59 3.11
CA THR A 182 -27.89 1.18 2.08
C THR A 182 -26.73 2.19 2.07
N SER A 183 -25.50 1.71 1.95
CA SER A 183 -24.26 2.55 1.97
C SER A 183 -23.32 2.10 0.85
N ARG A 184 -22.30 2.92 0.58
CA ARG A 184 -21.23 2.68 -0.42
C ARG A 184 -19.89 2.76 0.29
N ILE A 185 -19.10 1.68 0.27
CA ILE A 185 -17.76 1.58 0.92
C ILE A 185 -16.70 1.39 -0.17
N VAL A 186 -15.60 2.13 -0.07
CA VAL A 186 -14.43 2.06 -1.02
C VAL A 186 -13.23 1.47 -0.26
N GLY A 187 -12.46 0.62 -0.93
CA GLY A 187 -11.25 -0.02 -0.37
C GLY A 187 -10.82 -1.23 -1.18
N THR A 188 -9.74 -1.90 -0.74
CA THR A 188 -9.21 -3.16 -1.33
C THR A 188 -9.56 -4.31 -0.39
N THR A 189 -10.61 -5.06 -0.72
CA THR A 189 -11.35 -5.97 0.21
C THR A 189 -10.45 -7.13 0.68
N ALA A 190 -9.45 -7.53 -0.12
CA ALA A 190 -8.52 -8.65 0.21
C ALA A 190 -7.66 -8.28 1.43
N TYR A 191 -7.53 -6.99 1.75
CA TYR A 191 -6.69 -6.45 2.84
C TYR A 191 -7.55 -5.94 4.02
N MET A 192 -8.88 -5.94 3.89
CA MET A 192 -9.78 -5.17 4.81
C MET A 192 -10.23 -6.03 5.99
N ALA A 193 -10.26 -5.42 7.18
CA ALA A 193 -10.73 -6.02 8.45
C ALA A 193 -12.24 -6.21 8.40
N PRO A 194 -12.82 -7.11 9.23
CA PRO A 194 -14.28 -7.28 9.28
C PRO A 194 -15.05 -5.96 9.49
N GLU A 195 -14.64 -5.14 10.46
CA GLU A 195 -15.35 -3.89 10.83
C GLU A 195 -15.18 -2.84 9.72
N ALA A 196 -14.08 -2.89 8.96
CA ALA A 196 -13.79 -1.98 7.83
C ALA A 196 -14.71 -2.32 6.64
N LEU A 197 -14.91 -3.61 6.37
CA LEU A 197 -15.84 -4.11 5.32
C LEU A 197 -17.25 -3.61 5.61
N ARG A 198 -17.64 -3.51 6.90
CA ARG A 198 -19.01 -3.13 7.34
C ARG A 198 -19.16 -1.60 7.38
N GLY A 199 -18.05 -0.85 7.37
CA GLY A 199 -18.05 0.61 7.16
C GLY A 199 -17.50 1.42 8.33
N GLU A 200 -17.08 0.77 9.42
CA GLU A 200 -16.48 1.45 10.59
C GLU A 200 -15.14 2.07 10.16
N ILE A 201 -14.84 3.28 10.67
CA ILE A 201 -13.57 4.02 10.44
C ILE A 201 -12.81 4.08 11.77
N THR A 202 -11.70 3.33 11.86
CA THR A 202 -10.85 3.19 13.07
C THR A 202 -9.42 2.90 12.65
N PRO A 203 -8.40 3.41 13.38
CA PRO A 203 -7.01 3.09 13.09
C PRO A 203 -6.68 1.60 13.29
N LYS A 204 -7.48 0.89 14.09
CA LYS A 204 -7.33 -0.57 14.35
C LYS A 204 -7.45 -1.36 13.03
N SER A 205 -8.15 -0.81 12.03
CA SER A 205 -8.32 -1.42 10.68
C SER A 205 -7.01 -1.39 9.89
N ASP A 206 -6.24 -0.31 10.01
CA ASP A 206 -4.89 -0.16 9.39
C ASP A 206 -3.96 -1.27 9.91
N ILE A 207 -4.09 -1.66 11.18
CA ILE A 207 -3.26 -2.72 11.83
C ILE A 207 -3.52 -4.06 11.13
N TYR A 208 -4.79 -4.42 10.93
CA TYR A 208 -5.24 -5.67 10.26
C TYR A 208 -4.64 -5.75 8.85
N SER A 209 -4.79 -4.68 8.07
CA SER A 209 -4.28 -4.56 6.67
C SER A 209 -2.76 -4.75 6.65
N PHE A 210 -2.05 -4.16 7.61
CA PHE A 210 -0.58 -4.33 7.78
C PHE A 210 -0.27 -5.82 8.00
N GLY A 211 -1.11 -6.50 8.80
CA GLY A 211 -1.02 -7.95 9.04
C GLY A 211 -1.02 -8.74 7.74
N VAL A 212 -1.85 -8.35 6.77
CA VAL A 212 -1.97 -9.01 5.43
C VAL A 212 -0.68 -8.77 4.64
N VAL A 213 -0.12 -7.55 4.72
CA VAL A 213 1.15 -7.16 4.05
C VAL A 213 2.29 -8.03 4.59
N LEU A 214 2.33 -8.26 5.91
CA LEU A 214 3.35 -9.11 6.57
C LEU A 214 3.30 -10.53 5.97
N LEU A 215 2.10 -11.07 5.71
CA LEU A 215 1.92 -12.41 5.10
C LEU A 215 2.44 -12.41 3.66
N GLU A 216 2.21 -11.32 2.89
CA GLU A 216 2.74 -11.17 1.51
C GLU A 216 4.28 -11.19 1.55
N ILE A 217 4.88 -10.53 2.53
CA ILE A 217 6.35 -10.46 2.73
C ILE A 217 6.90 -11.86 3.01
N ILE A 218 6.25 -12.62 3.90
CA ILE A 218 6.69 -13.99 4.31
C ILE A 218 6.58 -14.95 3.11
N THR A 219 5.45 -14.91 2.40
CA THR A 219 5.03 -15.93 1.41
C THR A 219 5.43 -15.54 -0.03
N GLY A 220 5.53 -14.23 -0.32
CA GLY A 220 5.81 -13.72 -1.67
C GLY A 220 4.62 -13.91 -2.60
N LEU A 221 3.42 -14.08 -2.04
CA LEU A 221 2.15 -14.33 -2.79
C LEU A 221 1.29 -13.07 -2.73
N PRO A 222 0.47 -12.80 -3.78
CA PRO A 222 -0.51 -11.71 -3.71
C PRO A 222 -1.65 -12.01 -2.71
N ALA A 223 -2.28 -10.96 -2.18
CA ALA A 223 -3.32 -11.02 -1.13
C ALA A 223 -4.52 -11.84 -1.59
N VAL A 224 -4.88 -11.77 -2.87
CA VAL A 224 -5.99 -12.55 -3.48
C VAL A 224 -5.53 -13.14 -4.82
N ASP A 225 -5.91 -14.39 -5.10
CA ASP A 225 -5.63 -15.12 -6.38
C ASP A 225 -6.75 -16.14 -6.61
N GLU A 226 -7.56 -15.93 -7.65
CA GLU A 226 -8.74 -16.78 -7.99
C GLU A 226 -8.29 -18.22 -8.26
N HIS A 227 -7.14 -18.41 -8.92
CA HIS A 227 -6.58 -19.72 -9.33
C HIS A 227 -5.59 -20.19 -8.27
N ARG A 228 -6.03 -20.33 -7.02
CA ARG A 228 -5.19 -20.68 -5.85
C ARG A 228 -6.06 -21.25 -4.72
N GLU A 229 -5.48 -22.08 -3.85
CA GLU A 229 -6.12 -22.64 -2.64
C GLU A 229 -5.21 -22.39 -1.44
N PRO A 230 -5.58 -21.51 -0.48
CA PRO A 230 -6.80 -20.70 -0.56
C PRO A 230 -6.65 -19.49 -1.50
N GLN A 231 -7.77 -18.90 -1.90
CA GLN A 231 -7.82 -17.71 -2.78
C GLN A 231 -7.37 -16.48 -1.99
N LEU A 232 -7.91 -16.28 -0.78
CA LEU A 232 -7.50 -15.22 0.17
C LEU A 232 -6.27 -15.69 0.94
N LEU A 233 -5.21 -14.88 0.97
CA LEU A 233 -3.93 -15.18 1.66
C LEU A 233 -4.15 -15.26 3.17
N LEU A 234 -5.01 -14.41 3.74
CA LEU A 234 -5.22 -14.30 5.21
C LEU A 234 -5.85 -15.59 5.76
N ASP A 235 -6.42 -16.44 4.90
CA ASP A 235 -7.08 -17.73 5.30
C ASP A 235 -6.05 -18.74 5.81
N ILE A 236 -4.76 -18.59 5.48
CA ILE A 236 -3.69 -19.55 5.90
C ILE A 236 -3.54 -19.52 7.42
N LYS A 237 -3.95 -18.42 8.07
CA LYS A 237 -3.96 -18.27 9.56
C LYS A 237 -4.73 -19.43 10.19
N GLU A 238 -5.92 -19.75 9.65
CA GLU A 238 -6.78 -20.86 10.13
C GLU A 238 -6.11 -22.21 9.83
N GLU A 239 -5.64 -22.38 8.59
CA GLU A 239 -4.95 -23.61 8.12
C GLU A 239 -3.83 -24.00 9.09
N ILE A 240 -3.05 -23.01 9.57
CA ILE A 240 -1.88 -23.21 10.47
C ILE A 240 -2.38 -23.47 11.90
N GLU A 241 -3.41 -22.74 12.34
CA GLU A 241 -4.01 -22.86 13.70
C GLU A 241 -4.70 -24.22 13.85
N ASP A 242 -5.25 -24.77 12.77
CA ASP A 242 -5.94 -26.10 12.73
C ASP A 242 -4.91 -27.22 12.59
N GLU A 243 -3.61 -26.88 12.52
CA GLU A 243 -2.47 -27.84 12.39
C GLU A 243 -2.62 -28.64 11.09
N GLU A 244 -3.30 -28.08 10.09
CA GLU A 244 -3.49 -28.68 8.74
C GLU A 244 -2.24 -28.38 7.90
N LYS A 245 -1.59 -27.23 8.15
CA LYS A 245 -0.28 -26.84 7.55
C LYS A 245 0.54 -26.10 8.61
N THR A 246 1.76 -25.70 8.26
CA THR A 246 2.66 -24.83 9.07
C THR A 246 3.06 -23.61 8.24
N ILE A 247 3.60 -22.58 8.88
CA ILE A 247 4.12 -21.34 8.19
C ILE A 247 5.25 -21.74 7.25
N GLU A 248 6.05 -22.75 7.63
CA GLU A 248 7.20 -23.29 6.85
C GLU A 248 6.73 -23.73 5.46
N ASP A 249 5.50 -24.24 5.35
CA ASP A 249 4.90 -24.74 4.08
C ASP A 249 4.60 -23.56 3.13
N TYR A 250 4.58 -22.32 3.62
CA TYR A 250 4.14 -21.12 2.85
C TYR A 250 5.29 -20.11 2.68
N ILE A 251 6.47 -20.34 3.27
CA ILE A 251 7.63 -19.40 3.18
C ILE A 251 8.05 -19.29 1.70
N ASP A 252 8.38 -18.07 1.25
CA ASP A 252 8.86 -17.77 -0.12
C ASP A 252 10.11 -18.61 -0.38
N LYS A 253 10.04 -19.49 -1.39
CA LYS A 253 11.14 -20.42 -1.80
C LYS A 253 12.35 -19.63 -2.29
N LYS A 254 12.13 -18.43 -2.84
CA LYS A 254 13.17 -17.57 -3.46
C LYS A 254 14.08 -16.94 -2.40
N MET A 255 13.70 -17.01 -1.11
CA MET A 255 14.53 -16.55 0.03
C MET A 255 15.45 -17.68 0.50
N ASN A 256 16.71 -17.36 0.78
CA ASN A 256 17.73 -18.32 1.28
C ASN A 256 18.25 -17.90 2.66
N ASP A 257 17.86 -16.72 3.15
CA ASP A 257 18.46 -16.06 4.34
C ASP A 257 17.40 -15.86 5.44
N ALA A 258 16.35 -16.69 5.45
CA ALA A 258 15.22 -16.61 6.39
C ALA A 258 15.36 -17.71 7.45
N ASP A 259 15.92 -17.37 8.62
CA ASP A 259 16.04 -18.29 9.79
C ASP A 259 14.65 -18.49 10.41
N SER A 260 14.36 -19.71 10.86
CA SER A 260 13.02 -20.17 11.34
C SER A 260 12.50 -19.27 12.46
N THR A 261 13.34 -18.98 13.46
CA THR A 261 12.99 -18.18 14.67
C THR A 261 12.50 -16.80 14.25
N SER A 262 13.19 -16.16 13.29
CA SER A 262 12.87 -14.79 12.77
C SER A 262 11.56 -14.80 11.99
N VAL A 263 11.35 -15.83 11.15
CA VAL A 263 10.11 -15.99 10.32
C VAL A 263 8.93 -16.29 11.25
N GLU A 264 9.12 -17.21 12.20
CA GLU A 264 8.13 -17.54 13.27
C GLU A 264 7.76 -16.25 14.02
N ALA A 265 8.75 -15.42 14.34
CA ALA A 265 8.60 -14.15 15.07
C ALA A 265 7.70 -13.19 14.28
N MET A 266 7.90 -13.07 12.96
CA MET A 266 7.11 -12.14 12.09
C MET A 266 5.68 -12.69 11.92
N TYR A 267 5.52 -14.01 11.77
CA TYR A 267 4.18 -14.65 11.61
C TYR A 267 3.32 -14.37 12.87
N SER A 268 3.93 -14.48 14.05
CA SER A 268 3.28 -14.21 15.37
C SER A 268 2.75 -12.78 15.39
N VAL A 269 3.53 -11.81 14.88
CA VAL A 269 3.13 -10.38 14.76
C VAL A 269 1.92 -10.30 13.82
N ALA A 270 2.03 -10.93 12.64
CA ALA A 270 0.98 -10.96 11.60
C ALA A 270 -0.31 -11.57 12.17
N SER A 271 -0.18 -12.68 12.91
CA SER A 271 -1.31 -13.42 13.54
C SER A 271 -2.06 -12.50 14.50
N GLN A 272 -1.34 -11.72 15.31
CA GLN A 272 -1.91 -10.78 16.31
C GLN A 272 -2.66 -9.64 15.61
N CYS A 273 -2.09 -9.12 14.51
CA CYS A 273 -2.70 -8.03 13.69
C CYS A 273 -4.02 -8.51 13.08
N LEU A 274 -4.13 -9.80 12.75
CA LEU A 274 -5.27 -10.39 11.99
C LEU A 274 -6.34 -10.96 12.93
N HIS A 275 -6.37 -10.56 14.20
CA HIS A 275 -7.48 -10.84 15.16
C HIS A 275 -8.79 -10.28 14.58
N GLU A 276 -9.83 -11.12 14.49
CA GLU A 276 -11.18 -10.74 13.97
C GLU A 276 -11.75 -9.60 14.81
N LYS A 277 -11.60 -9.66 16.14
CA LYS A 277 -12.07 -8.63 17.10
C LYS A 277 -11.04 -7.50 17.16
N LYS A 278 -11.46 -6.28 16.79
CA LYS A 278 -10.55 -5.12 16.57
C LYS A 278 -9.80 -4.75 17.86
N ASN A 279 -10.42 -4.95 19.04
CA ASN A 279 -9.86 -4.56 20.36
C ASN A 279 -8.78 -5.54 20.82
N LYS A 280 -8.64 -6.70 20.15
CA LYS A 280 -7.69 -7.78 20.53
C LYS A 280 -6.40 -7.70 19.68
N ARG A 281 -6.23 -6.64 18.89
CA ARG A 281 -5.03 -6.42 18.03
C ARG A 281 -4.02 -5.55 18.77
N PRO A 282 -2.70 -5.68 18.47
CA PRO A 282 -1.71 -4.75 19.03
C PRO A 282 -1.86 -3.36 18.40
N ASP A 283 -1.44 -2.32 19.12
CA ASP A 283 -1.33 -0.93 18.59
C ASP A 283 -0.03 -0.85 17.76
N ILE A 284 0.10 0.17 16.91
CA ILE A 284 1.23 0.31 15.95
C ILE A 284 2.57 0.34 16.71
N LYS A 285 2.61 0.96 17.89
CA LYS A 285 3.85 1.11 18.71
C LYS A 285 4.34 -0.27 19.17
N LYS A 286 3.41 -1.18 19.51
CA LYS A 286 3.76 -2.57 19.90
C LYS A 286 4.32 -3.30 18.67
N VAL A 287 3.72 -3.08 17.49
CA VAL A 287 4.15 -3.68 16.20
C VAL A 287 5.60 -3.24 15.91
N GLN A 288 5.89 -1.94 16.08
CA GLN A 288 7.26 -1.35 15.90
C GLN A 288 8.25 -2.09 16.80
N GLN A 289 7.96 -2.19 18.10
CA GLN A 289 8.83 -2.85 19.11
C GLN A 289 9.17 -4.27 18.66
N LEU A 290 8.17 -5.07 18.28
CA LEU A 290 8.31 -6.50 17.91
C LEU A 290 9.17 -6.65 16.65
N LEU A 291 8.90 -5.85 15.61
CA LEU A 291 9.66 -5.90 14.32
C LEU A 291 11.14 -5.61 14.60
N GLN A 292 11.42 -4.63 15.47
CA GLN A 292 12.80 -4.17 15.80
C GLN A 292 13.58 -5.27 16.52
N GLU A 293 12.92 -6.05 17.37
CA GLU A 293 13.56 -7.05 18.27
C GLU A 293 14.00 -8.28 17.47
N MET A 294 13.31 -8.61 16.38
CA MET A 294 13.53 -9.86 15.60
C MET A 294 14.51 -9.62 14.44
N THR A 295 14.61 -8.39 13.93
CA THR A 295 15.44 -8.01 12.76
C THR A 295 16.93 -8.06 13.17
#